data_6HW2
#
_entry.id   6HW2
#
_cell.length_a   115.026
_cell.length_b   58.036
_cell.length_c   57.546
_cell.angle_alpha   90.000
_cell.angle_beta   109.700
_cell.angle_gamma   90.000
#
_symmetry.space_group_name_H-M   'C 1 2 1'
#
loop_
_entity.id
_entity.type
_entity.pdbx_description
1 polymer 'Voltage-dependent L-type calcium channel subunit beta-4'
2 polymer 'Chromobox protein homolog 3'
3 non-polymer 'CALCIUM ION'
4 non-polymer GLYCEROL
5 non-polymer BETA-MERCAPTOETHANOL
6 non-polymer 'ACETATE ION'
7 water water
#
loop_
_entity_poly.entity_id
_entity_poly.type
_entity_poly.pdbx_seq_one_letter_code
_entity_poly.pdbx_strand_id
1 'polypeptide(L)'
;GSRPSDSDVSLEEDREAIRQEREQQAAIQLERAKSKPVAFAVKTNVSYCGALDEDVPVPSTAISFDAKDFLHIKEKYNND
WWIGRLVKEGCEIGFIPSPLRLENIRIQQEQKRGRFHGEFAKQKQKVTEHIPPYDVVPSMRPVVLVGPSLKGYE
;
A
2 'polypeptide(L)' DAADKPRGFARGLDPERIIGATDSSGELMFLMKWKDSDEADLVLAKEANMKCPQIVIAFYEERLTWHSCPEDEAQ B,C
#
# COMPACT_ATOMS: atom_id res chain seq x y z
N SER A 7 6.99 3.50 50.27
CA SER A 7 6.67 2.75 49.06
C SER A 7 5.87 3.60 48.07
N ASP A 8 6.08 4.92 48.11
CA ASP A 8 5.49 5.80 47.11
C ASP A 8 6.17 5.67 45.75
N VAL A 9 7.25 4.89 45.66
CA VAL A 9 7.95 4.66 44.41
C VAL A 9 7.85 3.22 43.93
N SER A 10 7.15 2.35 44.67
CA SER A 10 6.80 1.04 44.14
C SER A 10 5.57 1.13 43.25
N LEU A 11 4.70 2.11 43.50
CA LEU A 11 3.58 2.38 42.62
C LEU A 11 4.06 2.86 41.24
N GLU A 12 5.19 3.56 41.20
CA GLU A 12 5.72 4.06 39.93
C GLU A 12 6.44 2.96 39.16
N GLU A 13 7.07 2.00 39.84
CA GLU A 13 7.57 0.82 39.15
C GLU A 13 6.43 0.00 38.55
N ASP A 14 5.28 -0.04 39.22
CA ASP A 14 4.12 -0.71 38.64
C ASP A 14 3.67 -0.02 37.35
N ARG A 15 3.57 1.32 37.37
CA ARG A 15 3.20 2.06 36.18
C ARG A 15 4.21 1.82 35.05
N GLU A 16 5.50 1.80 35.38
CA GLU A 16 6.54 1.61 34.36
C GLU A 16 6.43 0.24 33.73
N ALA A 17 6.29 -0.79 34.55
CA ALA A 17 6.09 -2.13 34.02
C ALA A 17 4.91 -2.17 33.05
N ILE A 18 3.83 -1.43 33.35
CA ILE A 18 2.69 -1.41 32.43
C ILE A 18 3.09 -0.71 31.12
N ARG A 19 3.78 0.40 31.23
CA ARG A 19 4.20 1.10 30.02
C ARG A 19 5.10 0.21 29.16
N GLN A 20 6.02 -0.51 29.82
CA GLN A 20 6.96 -1.32 29.08
C GLN A 20 6.25 -2.43 28.31
N GLU A 21 5.29 -3.09 28.96
CA GLU A 21 4.57 -4.14 28.26
C GLU A 21 3.84 -3.58 27.05
N ARG A 22 3.17 -2.44 27.23
CA ARG A 22 2.48 -1.83 26.10
C ARG A 22 3.44 -1.50 24.96
N GLU A 23 4.63 -0.99 25.30
CA GLU A 23 5.62 -0.62 24.27
C GLU A 23 6.14 -1.86 23.53
N GLN A 24 6.31 -2.97 24.27
CA GLN A 24 6.80 -4.19 23.63
C GLN A 24 5.79 -4.71 22.61
N GLN A 25 4.51 -4.65 22.97
CA GLN A 25 3.49 -5.10 22.04
C GLN A 25 3.40 -4.19 20.82
N ALA A 26 3.53 -2.89 21.01
CA ALA A 26 3.57 -1.95 19.89
C ALA A 26 4.72 -2.24 18.94
N ALA A 27 5.90 -2.54 19.47
CA ALA A 27 7.05 -2.80 18.62
C ALA A 27 6.84 -4.06 17.80
N ILE A 28 6.17 -5.05 18.40
CA ILE A 28 5.84 -6.26 17.66
C ILE A 28 4.90 -5.92 16.53
N GLN A 29 3.81 -5.20 16.83
CA GLN A 29 2.82 -4.91 15.78
C GLN A 29 3.47 -4.08 14.67
N LEU A 30 4.36 -3.17 15.04
CA LEU A 30 5.10 -2.42 14.04
C LEU A 30 5.93 -3.34 13.16
N GLU A 31 6.71 -4.25 13.78
CA GLU A 31 7.55 -5.12 12.95
C GLU A 31 6.69 -6.01 12.05
N ARG A 32 5.57 -6.50 12.58
CA ARG A 32 4.71 -7.38 11.80
C ARG A 32 3.95 -6.65 10.70
N ALA A 33 3.78 -5.32 10.82
CA ALA A 33 3.16 -4.55 9.74
C ALA A 33 4.00 -4.55 8.47
N LYS A 34 5.30 -4.78 8.59
CA LYS A 34 6.18 -4.71 7.44
C LYS A 34 5.75 -5.68 6.35
N SER A 35 5.14 -6.80 6.71
CA SER A 35 4.75 -7.79 5.73
C SER A 35 3.29 -7.66 5.32
N LYS A 36 2.57 -6.66 5.83
CA LYS A 36 1.18 -6.55 5.40
C LYS A 36 1.12 -5.76 4.11
N PRO A 37 0.06 -5.93 3.33
CA PRO A 37 -0.14 -5.08 2.16
C PRO A 37 -0.37 -3.63 2.55
N VAL A 38 -0.11 -2.75 1.60
CA VAL A 38 -0.50 -1.36 1.79
C VAL A 38 -2.02 -1.31 1.78
N ALA A 39 -2.62 -0.73 2.83
CA ALA A 39 -4.08 -0.61 2.87
C ALA A 39 -4.58 0.55 2.03
N PHE A 40 -3.93 1.71 2.10
CA PHE A 40 -4.30 2.85 1.27
C PHE A 40 -3.16 3.86 1.31
N ALA A 41 -3.17 4.78 0.34
CA ALA A 41 -2.22 5.89 0.30
C ALA A 41 -2.91 7.16 0.77
N VAL A 42 -2.13 8.10 1.32
CA VAL A 42 -2.61 9.43 1.57
C VAL A 42 -1.62 10.41 0.96
N LYS A 43 -2.11 11.60 0.65
CA LYS A 43 -1.26 12.75 0.37
C LYS A 43 -1.41 13.73 1.52
N THR A 44 -0.30 14.29 2.00
CA THR A 44 -0.36 15.15 3.18
C THR A 44 -0.62 16.59 2.76
N ASN A 45 -1.37 17.30 3.58
CA ASN A 45 -1.55 18.74 3.42
C ASN A 45 -0.80 19.56 4.45
N VAL A 46 -0.15 18.90 5.40
CA VAL A 46 0.66 19.52 6.45
C VAL A 46 1.97 18.75 6.56
N SER A 47 2.97 19.40 7.18
CA SER A 47 4.21 18.75 7.56
C SER A 47 4.08 18.25 8.99
N TYR A 48 4.99 17.33 9.36
CA TYR A 48 4.99 16.75 10.71
C TYR A 48 6.38 16.23 11.01
N CYS A 49 6.84 16.49 12.25
CA CYS A 49 8.19 16.14 12.68
C CYS A 49 8.08 15.15 13.83
N GLY A 50 8.25 13.86 13.53
CA GLY A 50 8.03 12.87 14.58
C GLY A 50 9.05 12.94 15.68
N ALA A 51 10.21 13.52 15.41
CA ALA A 51 11.24 13.64 16.42
C ALA A 51 10.80 14.48 17.60
N LEU A 52 9.88 15.41 17.38
CA LEU A 52 9.41 16.31 18.42
C LEU A 52 8.14 15.81 19.09
N ASP A 53 7.59 14.69 18.65
CA ASP A 53 6.34 14.19 19.23
C ASP A 53 6.74 13.35 20.46
N GLU A 54 5.89 13.36 21.47
CA GLU A 54 6.28 12.70 22.71
C GLU A 54 5.43 11.49 23.06
N ASP A 55 4.35 11.24 22.35
CA ASP A 55 3.43 10.22 22.81
C ASP A 55 3.50 8.95 21.97
N VAL A 56 4.65 8.68 21.35
CA VAL A 56 4.71 7.69 20.26
C VAL A 56 4.68 6.31 20.87
N PRO A 57 3.88 5.38 20.33
CA PRO A 57 3.75 4.07 20.99
C PRO A 57 5.07 3.37 21.21
N VAL A 58 6.06 3.55 20.33
CA VAL A 58 7.42 3.08 20.55
C VAL A 58 8.33 4.29 20.41
N PRO A 59 9.25 4.52 21.34
CA PRO A 59 10.13 5.70 21.23
C PRO A 59 10.93 5.76 19.95
N SER A 60 11.02 6.97 19.39
CA SER A 60 11.85 7.28 18.23
C SER A 60 11.39 6.60 16.94
N THR A 61 10.15 6.15 16.86
CA THR A 61 9.70 5.50 15.65
C THR A 61 8.63 6.29 14.90
N ALA A 62 8.33 7.53 15.32
CA ALA A 62 7.38 8.34 14.55
C ALA A 62 8.04 8.80 13.26
N ILE A 63 7.31 8.72 12.15
CA ILE A 63 7.88 9.22 10.89
C ILE A 63 7.85 10.73 10.86
N SER A 64 8.45 11.30 9.80
CA SER A 64 8.34 12.72 9.50
C SER A 64 7.95 12.85 8.04
N PHE A 65 7.34 13.98 7.72
CA PHE A 65 7.05 14.27 6.33
C PHE A 65 6.81 15.75 6.15
N ASP A 66 6.96 16.18 4.90
CA ASP A 66 6.61 17.53 4.47
C ASP A 66 5.15 17.54 3.97
N ALA A 67 4.60 18.75 3.79
CA ALA A 67 3.35 18.89 3.06
C ALA A 67 3.53 18.43 1.62
N LYS A 68 2.49 17.82 1.06
CA LYS A 68 2.42 17.31 -0.29
C LYS A 68 3.22 16.03 -0.51
N ASP A 69 3.62 15.35 0.57
CA ASP A 69 4.23 14.05 0.48
C ASP A 69 3.14 12.98 0.36
N PHE A 70 3.53 11.78 -0.07
CA PHE A 70 2.63 10.64 -0.07
C PHE A 70 3.08 9.67 1.00
N LEU A 71 2.12 9.11 1.75
CA LEU A 71 2.37 8.06 2.72
C LEU A 71 1.64 6.78 2.32
N HIS A 72 2.24 5.65 2.67
CA HIS A 72 1.60 4.35 2.55
C HIS A 72 1.18 3.92 3.96
N ILE A 73 -0.11 3.61 4.14
CA ILE A 73 -0.64 3.17 5.43
C ILE A 73 -0.88 1.66 5.39
N LYS A 74 -0.28 0.96 6.35
CA LYS A 74 -0.48 -0.47 6.51
C LYS A 74 -1.67 -0.75 7.42
N GLU A 75 -1.81 -0.02 8.52
CA GLU A 75 -2.94 -0.24 9.41
C GLU A 75 -3.10 0.90 10.39
N LYS A 76 -4.20 0.85 11.14
CA LYS A 76 -4.46 1.82 12.20
C LYS A 76 -4.16 1.17 13.53
N TYR A 77 -3.37 1.86 14.36
CA TYR A 77 -2.94 1.32 15.64
C TYR A 77 -3.92 1.74 16.74
N ASN A 78 -4.27 3.02 16.82
CA ASN A 78 -5.26 3.50 17.81
C ASN A 78 -5.78 4.86 17.32
N ASN A 79 -6.47 5.59 18.20
CA ASN A 79 -7.13 6.81 17.74
C ASN A 79 -6.12 7.89 17.33
N ASP A 80 -4.89 7.81 17.85
CA ASP A 80 -3.85 8.79 17.61
C ASP A 80 -2.79 8.35 16.62
N TRP A 81 -2.74 7.06 16.26
CA TRP A 81 -1.60 6.55 15.50
C TRP A 81 -1.99 5.53 14.45
N TRP A 82 -1.40 5.69 13.29
CA TRP A 82 -1.41 4.68 12.25
C TRP A 82 0.01 4.13 12.08
N ILE A 83 0.15 3.13 11.20
CA ILE A 83 1.44 2.53 10.90
C ILE A 83 1.66 2.57 9.39
N GLY A 84 2.82 3.04 8.96
CA GLY A 84 3.11 3.09 7.54
C GLY A 84 4.44 3.78 7.31
N ARG A 85 4.60 4.32 6.09
CA ARG A 85 5.86 4.95 5.76
C ARG A 85 5.67 6.10 4.78
N LEU A 86 6.57 7.06 4.87
CA LEU A 86 6.74 8.05 3.85
C LEU A 86 7.26 7.39 2.59
N VAL A 87 6.63 7.70 1.46
CA VAL A 87 6.95 6.99 0.21
C VAL A 87 8.13 7.76 -0.39
N LYS A 88 9.32 7.47 0.13
CA LYS A 88 10.56 8.08 -0.35
C LYS A 88 11.70 7.11 -0.07
N GLU A 89 12.70 7.13 -0.95
CA GLU A 89 13.77 6.15 -0.88
C GLU A 89 14.46 6.20 0.48
N GLY A 90 14.65 5.04 1.09
CA GLY A 90 15.31 4.97 2.37
C GLY A 90 14.42 5.15 3.57
N CYS A 91 13.21 5.68 3.41
CA CYS A 91 12.33 5.87 4.55
C CYS A 91 11.74 4.53 4.95
N GLU A 92 11.70 4.26 6.24
CA GLU A 92 11.22 2.99 6.77
CA GLU A 92 11.22 2.99 6.77
C GLU A 92 9.90 3.18 7.50
N ILE A 93 9.26 2.05 7.77
CA ILE A 93 7.95 2.01 8.38
C ILE A 93 8.06 2.47 9.82
N GLY A 94 7.05 3.17 10.26
CA GLY A 94 7.02 3.63 11.62
C GLY A 94 5.60 3.97 12.01
N PHE A 95 5.48 4.72 13.09
CA PHE A 95 4.19 5.24 13.51
C PHE A 95 3.90 6.57 12.85
N ILE A 96 2.65 6.72 12.44
CA ILE A 96 2.17 7.87 11.66
C ILE A 96 1.04 8.51 12.47
N PRO A 97 1.12 9.80 12.74
CA PRO A 97 0.04 10.48 13.48
C PRO A 97 -1.24 10.39 12.68
N SER A 98 -2.32 10.04 13.34
CA SER A 98 -3.60 9.99 12.67
C SER A 98 -4.03 11.37 12.30
N PRO A 99 -5.00 11.50 11.37
CA PRO A 99 -5.54 12.84 11.09
C PRO A 99 -6.06 13.52 12.34
N LEU A 100 -6.69 12.78 13.24
CA LEU A 100 -7.13 13.38 14.51
C LEU A 100 -5.97 13.92 15.32
N ARG A 101 -4.90 13.14 15.46
CA ARG A 101 -3.75 13.67 16.19
C ARG A 101 -3.25 14.97 15.55
N LEU A 102 -3.14 14.99 14.22
CA LEU A 102 -2.64 16.18 13.54
C LEU A 102 -3.57 17.37 13.74
N GLU A 103 -4.90 17.10 13.77
CA GLU A 103 -5.84 18.18 14.04
C GLU A 103 -5.63 18.75 15.43
N ASN A 104 -5.36 17.89 16.39
CA ASN A 104 -5.16 18.36 17.75
C ASN A 104 -3.82 19.04 17.93
N ILE A 105 -2.79 18.60 17.21
CA ILE A 105 -1.57 19.38 17.20
C ILE A 105 -1.83 20.77 16.65
N ARG A 106 -2.61 20.87 15.59
CA ARG A 106 -2.87 22.14 14.94
C ARG A 106 -3.66 23.06 15.87
N ILE A 107 -4.59 22.51 16.65
CA ILE A 107 -5.31 23.31 17.63
C ILE A 107 -4.36 23.88 18.67
N GLN A 108 -3.31 23.14 19.04
CA GLN A 108 -2.35 23.64 20.02
C GLN A 108 -1.37 24.65 19.41
N GLN A 109 -0.70 24.28 18.32
CA GLN A 109 0.15 25.21 17.58
C GLN A 109 -0.56 26.53 17.29
N GLU A 110 -1.91 26.51 17.31
CA GLU A 110 -2.72 27.67 16.98
C GLU A 110 -2.74 28.66 18.14
N GLN A 111 -3.34 28.26 19.25
CA GLN A 111 -3.47 29.12 20.43
C GLN A 111 -2.10 29.57 20.92
N LYS A 112 -1.31 28.63 21.44
CA LYS A 112 0.04 28.93 21.95
C LYS A 112 0.97 29.09 20.74
N ARG A 113 0.94 30.30 20.18
CA ARG A 113 1.81 30.72 19.07
C ARG A 113 1.09 30.55 17.73
N HIS A 130 -11.12 25.27 6.55
CA HIS A 130 -10.46 24.15 7.21
C HIS A 130 -10.21 22.99 6.24
N ILE A 131 -8.98 22.49 6.28
CA ILE A 131 -8.48 21.51 5.31
C ILE A 131 -8.04 20.27 6.08
N PRO A 132 -8.50 19.07 5.76
CA PRO A 132 -8.04 17.90 6.52
C PRO A 132 -6.57 17.68 6.31
N PRO A 133 -5.88 17.11 7.29
CA PRO A 133 -4.41 17.04 7.18
C PRO A 133 -3.95 15.99 6.17
N TYR A 134 -4.74 14.94 5.94
CA TYR A 134 -4.49 13.95 4.90
C TYR A 134 -5.61 13.94 3.88
N ASP A 135 -5.25 13.84 2.60
CA ASP A 135 -6.21 13.46 1.56
C ASP A 135 -6.09 11.95 1.38
N VAL A 136 -7.08 11.20 1.86
CA VAL A 136 -7.07 9.76 1.70
C VAL A 136 -7.37 9.41 0.24
N VAL A 137 -6.61 8.48 -0.31
CA VAL A 137 -6.82 8.07 -1.70
C VAL A 137 -7.58 6.74 -1.63
N PRO A 138 -8.89 6.74 -1.79
CA PRO A 138 -9.60 5.45 -1.81
C PRO A 138 -9.19 4.69 -3.06
N SER A 139 -9.23 3.36 -2.98
CA SER A 139 -8.69 2.58 -4.08
C SER A 139 -9.29 1.19 -4.06
N MET A 140 -9.49 0.62 -5.24
CA MET A 140 -9.74 -0.80 -5.35
C MET A 140 -8.47 -1.56 -5.01
N ARG A 141 -8.62 -2.84 -4.69
CA ARG A 141 -7.48 -3.71 -4.40
C ARG A 141 -7.78 -5.07 -5.00
N PRO A 142 -6.77 -5.77 -5.51
CA PRO A 142 -6.98 -7.18 -5.89
C PRO A 142 -7.12 -8.05 -4.67
N VAL A 143 -8.21 -8.82 -4.62
CA VAL A 143 -8.51 -9.72 -3.51
C VAL A 143 -8.56 -11.14 -4.04
N VAL A 144 -7.73 -12.00 -3.47
CA VAL A 144 -7.75 -13.43 -3.77
C VAL A 144 -8.48 -14.14 -2.64
N LEU A 145 -9.50 -14.91 -2.98
CA LEU A 145 -10.33 -15.56 -1.98
C LEU A 145 -9.58 -16.75 -1.39
N VAL A 146 -9.63 -16.87 -0.06
CA VAL A 146 -9.10 -18.05 0.62
C VAL A 146 -10.27 -18.79 1.25
N GLY A 147 -9.97 -19.88 1.95
CA GLY A 147 -10.97 -20.63 2.66
C GLY A 147 -11.55 -19.86 3.82
N PRO A 148 -12.77 -20.24 4.25
CA PRO A 148 -13.47 -19.45 5.27
C PRO A 148 -12.88 -19.50 6.67
N SER A 149 -11.60 -19.81 6.78
CA SER A 149 -10.95 -19.90 8.09
C SER A 149 -10.57 -18.53 8.64
N ALA B 2 -13.18 19.16 -17.91
CA ALA B 2 -12.92 19.82 -19.18
C ALA B 2 -11.82 20.87 -19.02
N ALA B 3 -10.58 20.47 -19.29
CA ALA B 3 -9.41 21.34 -19.14
C ALA B 3 -8.65 21.43 -20.46
N ASP B 4 -7.56 22.21 -20.45
CA ASP B 4 -6.73 22.39 -21.64
C ASP B 4 -5.24 22.16 -21.38
N LYS B 5 -4.78 22.19 -20.14
CA LYS B 5 -3.40 21.81 -19.85
C LYS B 5 -3.20 20.34 -20.17
N PRO B 6 -1.99 19.93 -20.57
CA PRO B 6 -1.73 18.49 -20.75
C PRO B 6 -1.93 17.76 -19.42
N ARG B 7 -2.61 16.62 -19.48
CA ARG B 7 -2.94 15.80 -18.33
C ARG B 7 -2.35 14.40 -18.49
N GLY B 8 -2.08 13.73 -17.35
CA GLY B 8 -1.69 12.33 -17.41
C GLY B 8 -0.41 12.12 -18.19
N PHE B 9 -0.41 11.08 -19.03
CA PHE B 9 0.74 10.72 -19.85
C PHE B 9 1.10 11.82 -20.84
N ALA B 10 0.16 12.70 -21.17
CA ALA B 10 0.45 13.82 -22.07
C ALA B 10 1.39 14.83 -21.43
N ARG B 11 1.55 14.81 -20.11
CA ARG B 11 2.51 15.71 -19.49
C ARG B 11 3.95 15.34 -19.82
N GLY B 12 4.20 14.19 -20.44
CA GLY B 12 5.55 13.87 -20.84
C GLY B 12 6.48 13.50 -19.70
N LEU B 13 5.94 13.13 -18.55
CA LEU B 13 6.73 12.73 -17.40
C LEU B 13 6.82 11.22 -17.31
N ASP B 14 7.88 10.74 -16.65
CA ASP B 14 8.08 9.31 -16.42
C ASP B 14 7.18 8.86 -15.28
N PRO B 15 6.55 7.69 -15.40
CA PRO B 15 5.75 7.18 -14.27
C PRO B 15 6.65 6.83 -13.10
N GLU B 16 6.19 7.13 -11.88
CA GLU B 16 6.89 6.70 -10.69
C GLU B 16 6.15 5.55 -10.01
N ARG B 17 4.89 5.79 -9.66
CA ARG B 17 4.15 4.80 -8.89
C ARG B 17 2.66 5.09 -9.02
N ILE B 18 1.86 4.02 -9.10
CA ILE B 18 0.40 4.19 -8.99
C ILE B 18 0.03 4.25 -7.52
N ILE B 19 -0.85 5.17 -7.15
CA ILE B 19 -1.25 5.29 -5.75
C ILE B 19 -2.72 4.95 -5.52
N GLY B 20 -3.49 4.71 -6.56
CA GLY B 20 -4.84 4.18 -6.37
C GLY B 20 -5.42 3.74 -7.69
N ALA B 21 -6.47 2.93 -7.61
CA ALA B 21 -7.19 2.42 -8.78
C ALA B 21 -8.67 2.64 -8.56
N THR B 22 -9.37 3.15 -9.57
CA THR B 22 -10.80 3.37 -9.42
C THR B 22 -11.53 3.18 -10.74
N ASP B 23 -12.66 2.48 -10.67
CA ASP B 23 -13.61 2.37 -11.79
C ASP B 23 -14.88 3.18 -11.59
N SER B 24 -14.87 4.19 -10.71
CA SER B 24 -16.09 4.95 -10.40
C SER B 24 -16.71 5.58 -11.64
N SER B 25 -15.88 5.95 -12.62
CA SER B 25 -16.36 6.52 -13.87
C SER B 25 -16.99 5.50 -14.82
N GLY B 26 -16.84 4.21 -14.56
CA GLY B 26 -17.24 3.16 -15.48
C GLY B 26 -16.09 2.46 -16.15
N GLU B 27 -14.92 3.09 -16.27
CA GLU B 27 -13.73 2.46 -16.80
C GLU B 27 -12.64 2.54 -15.72
N LEU B 28 -11.77 1.54 -15.71
CA LEU B 28 -10.71 1.48 -14.69
C LEU B 28 -9.68 2.55 -15.00
N MET B 29 -9.39 3.37 -13.97
CA MET B 29 -8.37 4.41 -14.00
C MET B 29 -7.38 4.24 -12.84
N PHE B 30 -6.16 4.71 -13.08
CA PHE B 30 -5.11 4.76 -12.07
C PHE B 30 -4.80 6.21 -11.74
N LEU B 31 -4.61 6.47 -10.44
CA LEU B 31 -4.04 7.73 -9.99
C LEU B 31 -2.53 7.55 -10.01
N MET B 32 -1.84 8.30 -10.87
CA MET B 32 -0.42 8.06 -11.18
C MET B 32 0.44 9.16 -10.60
N LYS B 33 1.40 8.77 -9.77
CA LYS B 33 2.45 9.68 -9.31
C LYS B 33 3.54 9.65 -10.37
N TRP B 34 3.92 10.83 -10.88
CA TRP B 34 5.01 10.98 -11.84
C TRP B 34 6.30 11.39 -11.14
N LYS B 35 7.42 10.97 -11.70
CA LYS B 35 8.70 11.26 -11.06
C LYS B 35 8.92 12.75 -11.03
N ASP B 36 9.41 13.25 -9.89
CA ASP B 36 9.76 14.66 -9.69
C ASP B 36 8.56 15.59 -9.83
N SER B 37 7.36 15.08 -9.52
CA SER B 37 6.19 15.95 -9.41
C SER B 37 5.33 15.45 -8.27
N ASP B 38 4.91 16.38 -7.41
CA ASP B 38 3.99 15.97 -6.34
C ASP B 38 2.54 15.95 -6.82
N GLU B 39 2.29 16.30 -8.08
CA GLU B 39 0.93 16.41 -8.60
C GLU B 39 0.59 15.15 -9.41
N ALA B 40 -0.19 14.29 -8.79
CA ALA B 40 -0.63 13.04 -9.41
C ALA B 40 -1.94 13.28 -10.15
N ASP B 41 -2.16 12.50 -11.21
CA ASP B 41 -3.44 12.59 -11.91
C ASP B 41 -3.83 11.25 -12.53
N LEU B 42 -5.05 11.22 -13.05
CA LEU B 42 -5.71 9.97 -13.43
C LEU B 42 -5.32 9.61 -14.86
N VAL B 43 -5.06 8.32 -15.08
CA VAL B 43 -4.82 7.80 -16.40
C VAL B 43 -5.66 6.55 -16.57
N LEU B 44 -6.00 6.25 -17.82
CA LEU B 44 -6.76 5.04 -18.10
C LEU B 44 -5.89 3.80 -17.88
N ALA B 45 -6.43 2.81 -17.17
CA ALA B 45 -5.62 1.63 -16.87
C ALA B 45 -5.18 0.94 -18.16
N LYS B 46 -6.09 0.85 -19.14
CA LYS B 46 -5.73 0.18 -20.37
C LYS B 46 -4.50 0.80 -21.00
N GLU B 47 -4.41 2.13 -20.96
CA GLU B 47 -3.25 2.82 -21.51
C GLU B 47 -2.00 2.50 -20.69
N ALA B 48 -2.10 2.58 -19.35
CA ALA B 48 -0.95 2.27 -18.52
C ALA B 48 -0.54 0.82 -18.64
N ASN B 49 -1.51 -0.09 -18.81
CA ASN B 49 -1.14 -1.49 -18.99
C ASN B 49 -0.16 -1.65 -20.13
N MET B 50 -0.32 -0.84 -21.18
CA MET B 50 0.48 -0.91 -22.40
C MET B 50 1.80 -0.16 -22.22
N LYS B 51 1.74 1.04 -21.64
CA LYS B 51 2.93 1.89 -21.58
C LYS B 51 3.87 1.50 -20.45
N CYS B 52 3.34 1.10 -19.28
CA CYS B 52 4.19 0.83 -18.12
C CYS B 52 3.61 -0.37 -17.36
N PRO B 53 3.58 -1.54 -18.01
CA PRO B 53 3.02 -2.73 -17.35
C PRO B 53 3.70 -3.10 -16.03
N GLN B 54 5.02 -2.89 -15.88
CA GLN B 54 5.67 -3.26 -14.62
C GLN B 54 5.29 -2.32 -13.48
N ILE B 55 4.99 -1.06 -13.81
CA ILE B 55 4.45 -0.13 -12.80
C ILE B 55 3.08 -0.59 -12.34
N VAL B 56 2.24 -1.00 -13.29
CA VAL B 56 0.93 -1.54 -12.96
C VAL B 56 1.07 -2.74 -12.03
N ILE B 57 1.97 -3.66 -12.37
CA ILE B 57 2.12 -4.89 -11.62
C ILE B 57 2.63 -4.60 -10.23
N ALA B 58 3.57 -3.64 -10.10
CA ALA B 58 4.10 -3.34 -8.78
C ALA B 58 3.01 -2.80 -7.87
N PHE B 59 2.09 -2.00 -8.41
CA PHE B 59 0.94 -1.53 -7.61
C PHE B 59 0.06 -2.70 -7.15
N TYR B 60 -0.27 -3.60 -8.07
CA TYR B 60 -1.11 -4.73 -7.69
C TYR B 60 -0.44 -5.60 -6.62
N GLU B 61 0.88 -5.81 -6.74
CA GLU B 61 1.58 -6.62 -5.76
C GLU B 61 1.58 -5.95 -4.41
N GLU B 62 1.67 -4.61 -4.39
CA GLU B 62 1.68 -3.86 -3.15
C GLU B 62 0.35 -3.98 -2.41
N ARG B 63 -0.76 -4.03 -3.14
CA ARG B 63 -2.09 -3.96 -2.56
C ARG B 63 -2.75 -5.32 -2.46
N LEU B 64 -2.16 -6.35 -3.07
CA LEU B 64 -2.75 -7.69 -3.11
C LEU B 64 -3.06 -8.18 -1.73
N THR B 65 -4.28 -8.68 -1.55
N THR B 65 -4.28 -8.63 -1.52
CA THR B 65 -4.83 -9.11 -0.27
CA THR B 65 -4.71 -9.18 -0.25
C THR B 65 -5.59 -10.42 -0.44
C THR B 65 -5.46 -10.48 -0.48
N TRP B 66 -5.53 -11.28 0.57
CA TRP B 66 -6.25 -12.55 0.60
C TRP B 66 -7.35 -12.40 1.65
N HIS B 67 -8.58 -12.80 1.31
CA HIS B 67 -9.72 -12.63 2.22
CA HIS B 67 -9.72 -12.64 2.20
C HIS B 67 -10.55 -13.91 2.17
N SER B 68 -11.17 -14.22 3.32
CA SER B 68 -12.01 -15.40 3.48
C SER B 68 -13.49 -15.11 3.23
N CYS B 69 -14.11 -15.92 2.35
CA CYS B 69 -15.51 -15.90 1.97
C CYS B 69 -16.24 -14.58 2.19
N PRO B 70 -15.84 -13.50 1.48
CA PRO B 70 -16.47 -12.20 1.66
C PRO B 70 -17.31 -11.72 0.47
N PRO C 6 10.90 -31.31 -14.98
CA PRO C 6 10.87 -30.25 -16.01
C PRO C 6 9.53 -29.52 -16.00
N ARG C 7 9.49 -28.24 -15.60
CA ARG C 7 8.23 -27.64 -15.18
C ARG C 7 8.10 -26.17 -15.54
N GLY C 8 6.90 -25.63 -15.29
CA GLY C 8 6.63 -24.23 -15.48
C GLY C 8 6.88 -23.80 -16.91
N PHE C 9 7.53 -22.65 -17.06
CA PHE C 9 7.85 -22.15 -18.39
C PHE C 9 8.74 -23.10 -19.16
N ALA C 10 9.51 -23.96 -18.48
CA ALA C 10 10.38 -24.90 -19.17
C ALA C 10 9.59 -25.92 -19.98
N ARG C 11 8.29 -26.08 -19.74
CA ARG C 11 7.49 -27.03 -20.49
C ARG C 11 7.28 -26.59 -21.94
N GLY C 12 7.61 -25.35 -22.25
CA GLY C 12 7.45 -24.83 -23.59
C GLY C 12 6.05 -24.50 -24.01
N LEU C 13 5.12 -24.34 -23.08
CA LEU C 13 3.74 -24.05 -23.42
C LEU C 13 3.49 -22.56 -23.30
N ASP C 14 2.44 -22.08 -23.99
CA ASP C 14 2.03 -20.70 -23.87
C ASP C 14 1.15 -20.52 -22.62
N PRO C 15 1.37 -19.47 -21.86
CA PRO C 15 0.44 -19.19 -20.75
C PRO C 15 -0.95 -18.88 -21.29
N GLU C 16 -1.97 -19.43 -20.63
CA GLU C 16 -3.37 -19.14 -20.94
C GLU C 16 -3.98 -18.23 -19.88
N ARG C 17 -3.95 -18.63 -18.61
CA ARG C 17 -4.60 -17.87 -17.55
C ARG C 17 -3.95 -18.24 -16.21
N ILE C 18 -3.79 -17.26 -15.34
CA ILE C 18 -3.44 -17.55 -13.95
C ILE C 18 -4.73 -17.87 -13.18
N ILE C 19 -4.73 -19.00 -12.47
CA ILE C 19 -5.92 -19.47 -11.78
C ILE C 19 -5.92 -19.04 -10.32
N GLY C 20 -4.75 -18.83 -9.73
CA GLY C 20 -4.66 -18.54 -8.31
C GLY C 20 -3.31 -17.95 -8.00
N ALA C 21 -3.18 -17.46 -6.77
CA ALA C 21 -1.90 -16.94 -6.30
C ALA C 21 -1.78 -17.27 -4.81
N THR C 22 -0.55 -17.49 -4.38
CA THR C 22 -0.31 -17.76 -2.97
C THR C 22 1.09 -17.30 -2.61
N ASP C 23 1.21 -16.69 -1.44
CA ASP C 23 2.53 -16.40 -0.90
C ASP C 23 2.83 -17.29 0.31
N SER C 24 2.07 -18.37 0.51
CA SER C 24 2.17 -19.20 1.70
C SER C 24 3.53 -19.87 1.85
N SER C 25 4.29 -19.99 0.77
CA SER C 25 5.64 -20.53 0.83
C SER C 25 6.69 -19.50 1.24
N GLY C 26 6.36 -18.21 1.28
CA GLY C 26 7.36 -17.17 1.50
C GLY C 26 7.61 -16.29 0.31
N GLU C 27 7.17 -16.69 -0.88
CA GLU C 27 7.36 -15.91 -2.10
C GLU C 27 6.10 -16.05 -2.95
N LEU C 28 5.77 -14.98 -3.67
CA LEU C 28 4.50 -14.97 -4.41
C LEU C 28 4.58 -15.90 -5.60
N MET C 29 3.65 -16.85 -5.65
CA MET C 29 3.55 -17.85 -6.70
C MET C 29 2.20 -17.76 -7.37
N PHE C 30 2.20 -18.00 -8.68
CA PHE C 30 1.00 -18.04 -9.48
C PHE C 30 0.74 -19.49 -9.85
N LEU C 31 -0.52 -19.90 -9.76
CA LEU C 31 -0.97 -21.17 -10.32
C LEU C 31 -1.30 -20.89 -11.78
N MET C 32 -0.52 -21.47 -12.69
CA MET C 32 -0.62 -21.13 -14.10
C MET C 32 -1.29 -22.24 -14.89
N LYS C 33 -2.28 -21.86 -15.69
CA LYS C 33 -2.93 -22.73 -16.68
C LYS C 33 -2.26 -22.46 -18.02
N TRP C 34 -1.83 -23.54 -18.69
CA TRP C 34 -1.16 -23.43 -19.98
C TRP C 34 -2.13 -23.82 -21.11
N LYS C 35 -1.96 -23.18 -22.26
CA LYS C 35 -2.79 -23.52 -23.42
C LYS C 35 -2.62 -24.99 -23.80
N ASP C 36 -3.73 -25.68 -23.99
CA ASP C 36 -3.71 -27.08 -24.41
C ASP C 36 -2.87 -27.92 -23.45
N SER C 37 -3.23 -27.81 -22.17
CA SER C 37 -2.75 -28.73 -21.14
C SER C 37 -3.66 -28.56 -19.93
N ASP C 38 -4.12 -29.68 -19.39
CA ASP C 38 -4.94 -29.69 -18.18
C ASP C 38 -4.10 -29.73 -16.92
N GLU C 39 -2.79 -29.82 -17.06
CA GLU C 39 -1.86 -29.89 -15.94
C GLU C 39 -1.32 -28.49 -15.65
N ALA C 40 -1.80 -27.86 -14.57
CA ALA C 40 -1.26 -26.58 -14.13
C ALA C 40 0.02 -26.78 -13.34
N ASP C 41 0.81 -25.72 -13.21
CA ASP C 41 1.82 -25.75 -12.15
C ASP C 41 2.03 -24.36 -11.60
N LEU C 42 2.99 -24.26 -10.70
CA LEU C 42 3.23 -23.06 -9.91
C LEU C 42 4.46 -22.38 -10.47
N VAL C 43 4.36 -21.07 -10.66
CA VAL C 43 5.48 -20.32 -11.22
C VAL C 43 5.66 -19.12 -10.29
N LEU C 44 6.91 -18.68 -10.15
CA LEU C 44 7.19 -17.45 -9.43
C LEU C 44 6.53 -16.27 -10.14
N ALA C 45 5.91 -15.41 -9.34
CA ALA C 45 5.35 -14.19 -9.87
C ALA C 45 6.38 -13.40 -10.65
N LYS C 46 7.61 -13.34 -10.13
CA LYS C 46 8.66 -12.54 -10.75
C LYS C 46 8.89 -12.99 -12.18
N GLU C 47 8.78 -14.28 -12.44
CA GLU C 47 9.01 -14.79 -13.78
C GLU C 47 7.81 -14.50 -14.66
N ALA C 48 6.59 -14.68 -14.16
CA ALA C 48 5.43 -14.37 -14.98
C ALA C 48 5.37 -12.86 -15.28
N ASN C 49 5.75 -12.04 -14.30
CA ASN C 49 5.75 -10.59 -14.48
C ASN C 49 6.57 -10.21 -15.71
N MET C 50 7.69 -10.91 -15.92
CA MET C 50 8.59 -10.60 -17.02
C MET C 50 8.11 -11.23 -18.32
N LYS C 51 7.59 -12.47 -18.29
CA LYS C 51 7.35 -13.15 -19.55
C LYS C 51 5.92 -13.05 -20.08
N CYS C 52 4.92 -12.82 -19.23
CA CYS C 52 3.54 -12.63 -19.70
C CYS C 52 2.85 -11.59 -18.84
N PRO C 53 3.34 -10.36 -18.85
CA PRO C 53 2.76 -9.33 -17.96
C PRO C 53 1.29 -9.04 -18.21
N GLN C 54 0.79 -9.19 -19.44
CA GLN C 54 -0.63 -8.91 -19.64
C GLN C 54 -1.48 -10.01 -19.04
N ILE C 55 -0.92 -11.22 -18.96
CA ILE C 55 -1.57 -12.33 -18.29
C ILE C 55 -1.64 -12.09 -16.78
N VAL C 56 -0.56 -11.56 -16.21
CA VAL C 56 -0.55 -11.22 -14.79
C VAL C 56 -1.53 -10.09 -14.52
N ILE C 57 -1.51 -9.06 -15.38
CA ILE C 57 -2.39 -7.90 -15.20
C ILE C 57 -3.84 -8.31 -15.33
N ALA C 58 -4.16 -9.20 -16.28
CA ALA C 58 -5.51 -9.71 -16.42
C ALA C 58 -5.95 -10.45 -15.17
N PHE C 59 -5.05 -11.19 -14.53
CA PHE C 59 -5.40 -11.84 -13.27
C PHE C 59 -5.75 -10.82 -12.19
N TYR C 60 -4.92 -9.79 -12.03
CA TYR C 60 -5.19 -8.80 -10.99
C TYR C 60 -6.44 -7.99 -11.31
N GLU C 61 -6.61 -7.59 -12.58
CA GLU C 61 -7.80 -6.84 -12.96
C GLU C 61 -9.06 -7.61 -12.63
N GLU C 62 -9.08 -8.91 -12.94
CA GLU C 62 -10.25 -9.73 -12.64
C GLU C 62 -10.56 -9.69 -11.15
N ARG C 63 -9.51 -9.55 -10.32
CA ARG C 63 -9.63 -9.66 -8.89
C ARG C 63 -9.86 -8.31 -8.20
N LEU C 64 -9.82 -7.20 -8.94
CA LEU C 64 -9.94 -5.88 -8.32
C LEU C 64 -11.34 -5.67 -7.78
N THR C 65 -11.42 -5.05 -6.63
CA THR C 65 -12.73 -4.83 -6.04
C THR C 65 -12.63 -3.76 -4.99
N TRP C 66 -13.78 -3.14 -4.71
CA TRP C 66 -13.88 -2.13 -3.67
C TRP C 66 -14.14 -2.71 -2.30
N HIS C 67 -14.76 -3.88 -2.23
CA HIS C 67 -15.17 -4.45 -0.95
C HIS C 67 -14.65 -5.87 -0.88
N SER C 68 -14.01 -6.20 0.24
CA SER C 68 -13.48 -7.53 0.51
C SER C 68 -14.41 -8.65 0.02
#